data_3Q5U
#
_entry.id   3Q5U
#
_cell.length_a   77.451
_cell.length_b   90.973
_cell.length_c   96.895
_cell.angle_alpha   90.00
_cell.angle_beta   90.00
_cell.angle_gamma   90.00
#
_symmetry.space_group_name_H-M   'P 21 21 21'
#
loop_
_entity.id
_entity.type
_entity.pdbx_description
1 polymer 'Importin subunit alpha-2'
2 polymer 'Phospholipid scramblase 4'
3 water water
#
loop_
_entity_poly.entity_id
_entity_poly.type
_entity_poly.pdbx_seq_one_letter_code
_entity_poly.pdbx_strand_id
1 'polypeptide(L)'
;NQGTVNWSVEDIVKGINSNNLESQLQATQAARKLLSREKQPPIDNIIRAGLIPKFVSFLGKTDCSPIQFESAWALTNIAS
GTSEQTKAVVDGGAIPAFISLLASPHAHISEQAVWALGNIAGDGSAFRDLVIKHGAIDPLLALLAVPDLSTLACGYLRNL
TWTLSNLCRNKNPAPPLDAVEQILPTLVRLLHHNDPEVLADSCWAISYLTDGPNERIEMVVKKGVVPQLVKLLGATELPI
VTPALRAIGNIVTGTDEQTQKVIDAGALAVFPSLLTNPKTNIQKEATWTMSNITAGRQDQIQQVVNHGLVPFLVGVLSKA
DFKTQKEAAWAITNYTSGGTVEQIVYLVHCGIIEPLMNLLSAKDTKIIQVILDAISNIFQAAEKLGETEKLSIMIEECGG
LDKIEALQRHENESVYKASLNLIEKYFSVEEEEDQNVVPETTSEGFAFQVQDGAPGTFNF
;
A
2 'polypeptide(L)' NIGSIIRKWNGLL B
#
# COMPACT_ATOMS: atom_id res chain seq x y z
N ASN A 6 -15.29 26.98 27.58
CA ASN A 6 -14.26 25.94 27.48
C ASN A 6 -13.87 25.45 28.85
N TRP A 7 -14.57 24.44 29.32
CA TRP A 7 -14.47 24.01 30.69
C TRP A 7 -13.05 23.55 31.03
N SER A 8 -12.71 23.60 32.31
CA SER A 8 -11.51 22.96 32.81
C SER A 8 -11.78 21.46 32.90
N VAL A 9 -10.72 20.66 33.00
CA VAL A 9 -10.93 19.24 33.20
C VAL A 9 -11.66 19.08 34.53
N GLU A 10 -11.32 19.96 35.47
CA GLU A 10 -11.83 19.81 36.82
C GLU A 10 -13.35 19.91 36.78
N ASP A 11 -13.83 20.88 36.03
CA ASP A 11 -15.28 21.12 35.90
C ASP A 11 -16.01 20.00 35.18
N ILE A 12 -15.41 19.49 34.11
CA ILE A 12 -15.98 18.36 33.39
C ILE A 12 -16.18 17.17 34.32
N VAL A 13 -15.22 16.93 35.19
CA VAL A 13 -15.29 15.83 36.16
C VAL A 13 -16.40 16.08 37.19
N LYS A 14 -16.55 17.32 37.64
CA LYS A 14 -17.64 17.68 38.54
C LYS A 14 -18.96 17.39 37.86
N GLY A 15 -19.09 17.90 36.64
CA GLY A 15 -20.27 17.66 35.83
C GLY A 15 -20.57 16.18 35.67
N ILE A 16 -19.59 15.42 35.21
CA ILE A 16 -19.80 14.01 34.94
C ILE A 16 -20.13 13.19 36.20
N ASN A 17 -19.61 13.62 37.35
CA ASN A 17 -19.80 12.90 38.61
C ASN A 17 -21.06 13.30 39.40
N SER A 18 -21.68 14.40 39.04
CA SER A 18 -23.02 14.66 39.56
C SER A 18 -23.86 13.58 39.01
N ASN A 19 -24.75 12.98 39.77
CA ASN A 19 -25.54 12.00 39.09
C ASN A 19 -26.77 12.63 38.47
N ASN A 20 -26.53 13.61 37.62
CA ASN A 20 -27.58 14.36 36.97
C ASN A 20 -27.41 14.23 35.47
N LEU A 21 -28.36 13.57 34.83
CA LEU A 21 -28.27 13.27 33.40
C LEU A 21 -27.91 14.50 32.55
N GLU A 22 -28.54 15.64 32.84
CA GLU A 22 -28.30 16.87 32.08
C GLU A 22 -26.95 17.53 32.39
N SER A 23 -26.60 17.61 33.66
CA SER A 23 -25.28 18.15 33.98
C SER A 23 -24.26 17.26 33.30
N GLN A 24 -24.49 15.95 33.37
CA GLN A 24 -23.68 14.94 32.67
C GLN A 24 -23.59 15.21 31.17
N LEU A 25 -24.74 15.36 30.53
CA LEU A 25 -24.78 15.65 29.11
C LEU A 25 -23.93 16.89 28.79
N GLN A 26 -24.18 17.97 29.52
CA GLN A 26 -23.49 19.25 29.31
C GLN A 26 -21.96 19.18 29.53
N ALA A 27 -21.55 18.42 30.56
CA ALA A 27 -20.14 18.25 30.86
C ALA A 27 -19.45 17.44 29.78
N THR A 28 -20.14 16.42 29.28
CA THR A 28 -19.62 15.58 28.20
C THR A 28 -19.45 16.39 26.92
N GLN A 29 -20.48 17.15 26.57
CA GLN A 29 -20.34 18.06 25.44
C GLN A 29 -19.13 18.97 25.60
N ALA A 30 -18.94 19.50 26.82
CA ALA A 30 -17.76 20.33 27.08
C ALA A 30 -16.49 19.52 26.80
N ALA A 31 -16.40 18.34 27.41
CA ALA A 31 -15.30 17.41 27.14
C ALA A 31 -15.05 17.21 25.65
N ARG A 32 -16.12 17.08 24.88
CA ARG A 32 -15.96 16.78 23.46
C ARG A 32 -15.36 17.95 22.70
N LYS A 33 -15.79 19.17 23.06
CA LYS A 33 -15.26 20.39 22.45
C LYS A 33 -13.79 20.59 22.84
N LEU A 34 -13.48 20.30 24.10
CA LEU A 34 -12.11 20.29 24.58
C LEU A 34 -11.23 19.37 23.74
N LEU A 35 -11.68 18.14 23.54
CA LEU A 35 -10.89 17.15 22.81
C LEU A 35 -10.89 17.40 21.30
N SER A 36 -11.68 18.34 20.84
CA SER A 36 -11.68 18.70 19.43
C SER A 36 -10.81 19.92 19.20
N ARG A 37 -10.31 20.49 20.28
CA ARG A 37 -9.42 21.65 20.19
C ARG A 37 -8.30 21.40 19.20
N GLU A 38 -8.00 22.42 18.40
CA GLU A 38 -6.93 22.34 17.41
C GLU A 38 -5.57 22.11 18.07
N LYS A 39 -5.16 23.04 18.92
CA LYS A 39 -3.84 22.94 19.47
C LYS A 39 -3.90 22.05 20.69
N GLN A 40 -3.27 20.89 20.60
CA GLN A 40 -2.92 20.09 21.77
C GLN A 40 -4.06 19.80 22.73
N PRO A 41 -5.12 19.18 22.24
CA PRO A 41 -6.24 18.82 23.10
C PRO A 41 -5.81 17.87 24.21
N PRO A 42 -6.37 18.08 25.40
CA PRO A 42 -5.82 17.49 26.61
C PRO A 42 -6.33 16.07 26.76
N ILE A 43 -5.97 15.23 25.82
CA ILE A 43 -6.37 13.83 25.84
C ILE A 43 -5.88 13.14 27.11
N ASP A 44 -4.57 13.23 27.37
CA ASP A 44 -4.01 12.55 28.53
C ASP A 44 -4.63 13.03 29.82
N ASN A 45 -4.89 14.34 29.89
CA ASN A 45 -5.52 14.89 31.07
C ASN A 45 -6.87 14.24 31.33
N ILE A 46 -7.69 14.23 30.27
CA ILE A 46 -9.00 13.58 30.29
C ILE A 46 -8.91 12.11 30.65
N ILE A 47 -7.92 11.42 30.07
CA ILE A 47 -7.70 10.00 30.36
C ILE A 47 -7.34 9.79 31.83
N ARG A 48 -6.46 10.65 32.34
CA ARG A 48 -5.98 10.54 33.72
C ARG A 48 -7.07 10.84 34.74
N ALA A 49 -8.03 11.68 34.35
CA ALA A 49 -9.15 11.99 35.22
C ALA A 49 -10.13 10.82 35.35
N GLY A 50 -9.88 9.73 34.62
CA GLY A 50 -10.74 8.56 34.72
C GLY A 50 -12.11 8.70 34.07
N LEU A 51 -12.19 9.55 33.05
CA LEU A 51 -13.47 9.84 32.39
C LEU A 51 -13.95 8.77 31.40
N ILE A 52 -13.03 7.96 30.89
CA ILE A 52 -13.35 7.03 29.82
C ILE A 52 -14.46 6.02 30.13
N PRO A 53 -14.36 5.32 31.27
CA PRO A 53 -15.42 4.40 31.70
C PRO A 53 -16.77 5.11 31.77
N LYS A 54 -16.76 6.35 32.26
CA LYS A 54 -17.99 7.14 32.33
C LYS A 54 -18.57 7.33 30.93
N PHE A 55 -17.74 7.86 30.02
CA PHE A 55 -18.09 7.97 28.60
C PHE A 55 -18.64 6.67 28.00
N VAL A 56 -17.89 5.58 28.17
CA VAL A 56 -18.31 4.30 27.61
C VAL A 56 -19.69 3.95 28.14
N SER A 57 -19.93 4.30 29.39
CA SER A 57 -21.22 4.02 30.02
C SER A 57 -22.35 4.82 29.38
N PHE A 58 -22.09 6.07 29.03
CA PHE A 58 -23.12 6.90 28.40
C PHE A 58 -23.51 6.34 27.03
N LEU A 59 -22.58 5.66 26.37
CA LEU A 59 -22.86 5.06 25.06
C LEU A 59 -24.12 4.18 25.10
N GLY A 60 -24.45 3.68 26.27
CA GLY A 60 -25.58 2.78 26.42
C GLY A 60 -26.89 3.46 26.78
N LYS A 61 -26.85 4.77 27.04
CA LYS A 61 -28.07 5.50 27.37
C LYS A 61 -28.94 5.74 26.13
N THR A 62 -29.62 4.69 25.68
CA THR A 62 -30.50 4.78 24.52
C THR A 62 -31.53 5.91 24.63
N ASP A 63 -31.85 6.31 25.85
CA ASP A 63 -32.79 7.41 26.12
C ASP A 63 -32.28 8.83 25.79
N CYS A 64 -31.07 9.22 26.20
CA CYS A 64 -30.54 10.52 25.78
C CYS A 64 -29.57 10.19 24.67
N SER A 65 -30.08 10.20 23.45
CA SER A 65 -29.21 9.93 22.32
C SER A 65 -28.15 11.04 22.20
N PRO A 66 -28.48 12.26 22.64
CA PRO A 66 -27.45 13.31 22.59
C PRO A 66 -26.21 13.01 23.43
N ILE A 67 -26.36 12.38 24.60
CA ILE A 67 -25.19 12.04 25.41
C ILE A 67 -24.50 10.79 24.85
N GLN A 68 -25.25 9.97 24.10
CA GLN A 68 -24.66 8.87 23.34
C GLN A 68 -23.71 9.44 22.29
N PHE A 69 -24.19 10.48 21.61
CA PHE A 69 -23.42 11.14 20.58
C PHE A 69 -22.18 11.86 21.12
N GLU A 70 -22.39 12.72 22.11
CA GLU A 70 -21.29 13.49 22.69
C GLU A 70 -20.19 12.57 23.24
N SER A 71 -20.60 11.51 23.91
CA SER A 71 -19.62 10.62 24.52
C SER A 71 -18.94 9.78 23.44
N ALA A 72 -19.65 9.50 22.34
CA ALA A 72 -19.07 8.78 21.22
C ALA A 72 -17.99 9.62 20.57
N TRP A 73 -18.34 10.87 20.31
CA TRP A 73 -17.44 11.83 19.71
C TRP A 73 -16.19 12.07 20.57
N ALA A 74 -16.40 12.30 21.87
CA ALA A 74 -15.30 12.47 22.80
C ALA A 74 -14.39 11.26 22.75
N LEU A 75 -14.99 10.07 22.84
CA LEU A 75 -14.23 8.83 22.79
C LEU A 75 -13.45 8.68 21.48
N THR A 76 -14.15 8.96 20.39
CA THR A 76 -13.57 8.95 19.06
C THR A 76 -12.31 9.81 18.94
N ASN A 77 -12.36 11.00 19.54
CA ASN A 77 -11.21 11.89 19.49
C ASN A 77 -10.04 11.42 20.34
N ILE A 78 -10.34 10.59 21.33
CA ILE A 78 -9.28 10.03 22.15
C ILE A 78 -8.65 8.87 21.41
N ALA A 79 -9.52 7.99 20.89
CA ALA A 79 -9.05 6.81 20.19
C ALA A 79 -8.35 7.18 18.88
N SER A 80 -8.64 8.37 18.37
CA SER A 80 -7.99 8.81 17.14
C SER A 80 -6.55 9.30 17.37
N GLY A 81 -6.12 9.29 18.63
CA GLY A 81 -4.78 9.74 18.98
C GLY A 81 -3.73 8.65 18.91
N THR A 82 -2.91 8.54 19.96
CA THR A 82 -1.81 7.58 19.97
C THR A 82 -2.28 6.16 20.24
N SER A 83 -1.37 5.21 20.07
CA SER A 83 -1.68 3.82 20.32
C SER A 83 -2.00 3.55 21.79
N GLU A 84 -1.44 4.37 22.68
CA GLU A 84 -1.68 4.19 24.11
C GLU A 84 -3.04 4.79 24.47
N GLN A 85 -3.39 5.85 23.75
CA GLN A 85 -4.65 6.53 23.93
C GLN A 85 -5.79 5.65 23.44
N THR A 86 -5.59 5.06 22.26
CA THR A 86 -6.53 4.09 21.70
C THR A 86 -6.70 2.91 22.66
N LYS A 87 -5.60 2.46 23.24
CA LYS A 87 -5.67 1.38 24.22
C LYS A 87 -6.56 1.77 25.39
N ALA A 88 -6.50 3.03 25.82
CA ALA A 88 -7.32 3.42 26.97
C ALA A 88 -8.81 3.32 26.64
N VAL A 89 -9.18 3.76 25.44
CA VAL A 89 -10.54 3.61 24.98
C VAL A 89 -10.94 2.14 24.95
N VAL A 90 -10.05 1.28 24.42
CA VAL A 90 -10.33 -0.16 24.40
C VAL A 90 -10.43 -0.75 25.80
N ASP A 91 -9.46 -0.42 26.64
CA ASP A 91 -9.50 -0.90 28.03
C ASP A 91 -10.78 -0.45 28.74
N GLY A 92 -11.29 0.72 28.36
CA GLY A 92 -12.53 1.21 28.93
C GLY A 92 -13.76 0.38 28.62
N GLY A 93 -13.64 -0.57 27.69
CA GLY A 93 -14.77 -1.42 27.33
C GLY A 93 -15.54 -0.92 26.11
N ALA A 94 -14.95 0.03 25.40
CA ALA A 94 -15.65 0.74 24.34
C ALA A 94 -16.07 -0.13 23.14
N ILE A 95 -15.29 -1.16 22.82
CA ILE A 95 -15.55 -1.93 21.60
C ILE A 95 -17.00 -2.48 21.51
N PRO A 96 -17.42 -3.38 22.41
CA PRO A 96 -18.80 -3.86 22.27
C PRO A 96 -19.83 -2.72 22.31
N ALA A 97 -19.53 -1.64 23.03
CA ALA A 97 -20.47 -0.55 23.17
C ALA A 97 -20.67 0.20 21.85
N PHE A 98 -19.59 0.36 21.09
CA PHE A 98 -19.65 1.01 19.79
C PHE A 98 -20.33 0.12 18.77
N ILE A 99 -20.11 -1.17 18.89
CA ILE A 99 -20.72 -2.12 17.98
C ILE A 99 -22.25 -2.09 18.11
N SER A 100 -22.75 -1.94 19.32
CA SER A 100 -24.19 -1.80 19.54
C SER A 100 -24.72 -0.50 18.94
N LEU A 101 -23.95 0.58 19.11
CA LEU A 101 -24.32 1.86 18.53
C LEU A 101 -24.46 1.80 17.02
N LEU A 102 -23.76 0.86 16.38
CA LEU A 102 -23.79 0.78 14.92
C LEU A 102 -25.21 0.70 14.42
N ALA A 103 -26.09 0.21 15.29
CA ALA A 103 -27.50 0.01 14.95
C ALA A 103 -28.39 1.18 15.38
N SER A 104 -27.78 2.26 15.86
CA SER A 104 -28.55 3.45 16.21
C SER A 104 -29.38 3.96 15.04
N PRO A 105 -30.61 4.42 15.33
CA PRO A 105 -31.52 5.03 14.35
C PRO A 105 -31.06 6.43 13.96
N HIS A 106 -30.14 6.99 14.73
CA HIS A 106 -29.56 8.28 14.40
C HIS A 106 -28.27 8.11 13.59
N ALA A 107 -28.36 8.42 12.30
CA ALA A 107 -27.23 8.28 11.41
C ALA A 107 -25.98 8.93 11.97
N HIS A 108 -26.16 10.07 12.63
CA HIS A 108 -25.01 10.81 13.15
C HIS A 108 -24.33 10.05 14.29
N ILE A 109 -25.13 9.25 15.00
CA ILE A 109 -24.61 8.42 16.08
C ILE A 109 -23.98 7.14 15.52
N SER A 110 -24.70 6.48 14.62
CA SER A 110 -24.20 5.31 13.94
C SER A 110 -22.86 5.64 13.33
N GLU A 111 -22.81 6.81 12.69
CA GLU A 111 -21.59 7.25 12.02
C GLU A 111 -20.42 7.38 12.99
N GLN A 112 -20.69 7.89 14.19
CA GLN A 112 -19.64 8.05 15.20
C GLN A 112 -19.06 6.71 15.57
N ALA A 113 -19.95 5.76 15.83
CA ALA A 113 -19.54 4.40 16.12
C ALA A 113 -18.66 3.85 14.98
N VAL A 114 -19.07 4.09 13.73
CA VAL A 114 -18.25 3.65 12.59
C VAL A 114 -16.86 4.21 12.69
N TRP A 115 -16.77 5.52 12.93
CA TRP A 115 -15.49 6.23 12.99
C TRP A 115 -14.60 5.68 14.11
N ALA A 116 -15.23 5.41 15.25
CA ALA A 116 -14.53 4.92 16.42
C ALA A 116 -13.92 3.55 16.16
N LEU A 117 -14.73 2.63 15.64
CA LEU A 117 -14.23 1.31 15.32
C LEU A 117 -13.11 1.41 14.27
N GLY A 118 -13.22 2.36 13.34
CA GLY A 118 -12.19 2.54 12.35
C GLY A 118 -10.84 2.91 12.95
N ASN A 119 -10.86 3.76 13.97
CA ASN A 119 -9.64 4.19 14.64
C ASN A 119 -9.06 3.12 15.54
N ILE A 120 -9.94 2.32 16.11
CA ILE A 120 -9.49 1.24 16.96
C ILE A 120 -8.88 0.11 16.13
N ALA A 121 -9.55 -0.25 15.03
CA ALA A 121 -9.05 -1.32 14.18
C ALA A 121 -7.73 -0.94 13.56
N GLY A 122 -7.54 0.34 13.30
CA GLY A 122 -6.35 0.79 12.59
C GLY A 122 -5.09 0.87 13.44
N ASP A 123 -5.23 0.74 14.74
CA ASP A 123 -4.07 0.81 15.62
C ASP A 123 -3.09 -0.29 15.26
N GLY A 124 -3.63 -1.45 14.95
CA GLY A 124 -2.82 -2.59 14.56
C GLY A 124 -3.61 -3.88 14.47
N SER A 125 -2.91 -4.97 14.18
CA SER A 125 -3.62 -6.19 13.87
C SER A 125 -4.37 -6.78 15.06
N ALA A 126 -3.84 -6.61 16.26
CA ALA A 126 -4.50 -7.19 17.44
C ALA A 126 -5.84 -6.53 17.74
N PHE A 127 -5.87 -5.19 17.71
CA PHE A 127 -7.13 -4.48 17.91
C PHE A 127 -8.07 -4.74 16.74
N ARG A 128 -7.52 -4.75 15.53
CA ARG A 128 -8.26 -5.11 14.33
C ARG A 128 -8.99 -6.42 14.58
N ASP A 129 -8.24 -7.44 14.98
CA ASP A 129 -8.84 -8.75 15.17
C ASP A 129 -9.78 -8.75 16.35
N LEU A 130 -9.44 -7.99 17.39
CA LEU A 130 -10.31 -7.96 18.57
C LEU A 130 -11.67 -7.39 18.20
N VAL A 131 -11.65 -6.33 17.39
CA VAL A 131 -12.88 -5.73 16.87
C VAL A 131 -13.68 -6.72 16.02
N ILE A 132 -12.99 -7.47 15.18
CA ILE A 132 -13.64 -8.51 14.39
C ILE A 132 -14.30 -9.56 15.29
N LYS A 133 -13.60 -9.98 16.34
CA LYS A 133 -14.12 -10.95 17.29
C LYS A 133 -15.41 -10.52 17.99
N HIS A 134 -15.56 -9.22 18.29
CA HIS A 134 -16.77 -8.70 18.94
C HIS A 134 -17.91 -8.59 17.95
N GLY A 135 -17.67 -9.03 16.71
CA GLY A 135 -18.69 -9.10 15.69
C GLY A 135 -19.08 -7.78 15.03
N ALA A 136 -18.09 -6.95 14.73
CA ALA A 136 -18.34 -5.66 14.12
C ALA A 136 -18.78 -5.77 12.65
N ILE A 137 -18.41 -6.87 12.01
CA ILE A 137 -18.52 -6.92 10.56
C ILE A 137 -19.95 -6.97 10.02
N ASP A 138 -20.79 -7.81 10.60
CA ASP A 138 -22.18 -7.89 10.16
C ASP A 138 -22.86 -6.53 10.21
N PRO A 139 -22.83 -5.87 11.38
CA PRO A 139 -23.50 -4.58 11.51
C PRO A 139 -22.90 -3.55 10.57
N LEU A 140 -21.59 -3.62 10.34
CA LEU A 140 -20.96 -2.66 9.43
C LEU A 140 -21.48 -2.86 8.02
N LEU A 141 -21.34 -4.08 7.52
CA LEU A 141 -21.74 -4.41 6.16
C LEU A 141 -23.24 -4.14 5.97
N ALA A 142 -24.01 -4.31 7.03
CA ALA A 142 -25.45 -4.13 6.98
C ALA A 142 -25.81 -2.67 6.72
N LEU A 143 -24.92 -1.77 7.11
CA LEU A 143 -25.14 -0.36 6.86
C LEU A 143 -25.03 -0.02 5.37
N LEU A 144 -24.49 -0.96 4.60
CA LEU A 144 -24.26 -0.74 3.17
C LEU A 144 -25.15 -1.64 2.34
N ALA A 145 -26.02 -2.38 3.00
CA ALA A 145 -26.91 -3.29 2.30
C ALA A 145 -28.07 -2.53 1.63
N VAL A 146 -27.72 -1.68 0.66
CA VAL A 146 -28.68 -1.02 -0.21
C VAL A 146 -28.35 -1.28 -1.68
N PRO A 147 -29.39 -1.28 -2.55
CA PRO A 147 -29.21 -1.68 -3.95
C PRO A 147 -28.23 -0.75 -4.67
N ASP A 148 -28.22 0.54 -4.31
CA ASP A 148 -27.31 1.48 -4.95
C ASP A 148 -26.68 2.37 -3.90
N LEU A 149 -25.36 2.26 -3.75
CA LEU A 149 -24.60 3.06 -2.80
C LEU A 149 -24.89 4.54 -2.97
N SER A 150 -25.25 4.93 -4.18
CA SER A 150 -25.56 6.34 -4.45
C SER A 150 -26.65 6.97 -3.57
N THR A 151 -27.47 6.16 -2.93
CA THR A 151 -28.53 6.72 -2.11
C THR A 151 -28.03 7.01 -0.70
N LEU A 152 -26.78 6.68 -0.41
CA LEU A 152 -26.23 7.00 0.90
C LEU A 152 -25.54 8.36 0.88
N ALA A 153 -25.52 9.00 2.02
CA ALA A 153 -24.88 10.29 2.16
C ALA A 153 -23.36 10.15 2.05
N CYS A 154 -22.73 11.11 1.38
CA CYS A 154 -21.31 11.04 1.10
C CYS A 154 -20.47 10.76 2.33
N GLY A 155 -20.61 11.63 3.33
CA GLY A 155 -19.77 11.57 4.51
C GLY A 155 -19.89 10.21 5.16
N TYR A 156 -21.13 9.73 5.18
CA TYR A 156 -21.42 8.43 5.74
C TYR A 156 -20.67 7.32 5.00
N LEU A 157 -20.85 7.29 3.68
CA LEU A 157 -20.21 6.28 2.85
C LEU A 157 -18.70 6.32 3.02
N ARG A 158 -18.12 7.52 2.98
CA ARG A 158 -16.68 7.68 3.13
C ARG A 158 -16.17 7.15 4.45
N ASN A 159 -16.96 7.30 5.51
CA ASN A 159 -16.54 6.79 6.81
C ASN A 159 -16.58 5.29 6.83
N LEU A 160 -17.68 4.73 6.32
CA LEU A 160 -17.81 3.28 6.21
C LEU A 160 -16.63 2.70 5.42
N THR A 161 -16.31 3.31 4.27
CA THR A 161 -15.23 2.83 3.43
C THR A 161 -13.89 2.87 4.17
N TRP A 162 -13.61 3.99 4.82
CA TRP A 162 -12.33 4.12 5.53
C TRP A 162 -12.20 3.08 6.66
N THR A 163 -13.28 2.86 7.40
CA THR A 163 -13.25 1.89 8.49
C THR A 163 -13.03 0.47 7.98
N LEU A 164 -13.81 0.07 6.98
CA LEU A 164 -13.63 -1.24 6.35
C LEU A 164 -12.20 -1.40 5.83
N SER A 165 -11.64 -0.31 5.33
CA SER A 165 -10.26 -0.31 4.89
C SER A 165 -9.31 -0.69 6.05
N ASN A 166 -9.48 -0.05 7.20
CA ASN A 166 -8.70 -0.40 8.39
C ASN A 166 -8.85 -1.85 8.86
N LEU A 167 -10.02 -2.44 8.62
CA LEU A 167 -10.21 -3.86 8.94
C LEU A 167 -9.50 -4.74 7.92
N CYS A 168 -9.00 -4.16 6.84
CA CYS A 168 -8.28 -4.93 5.83
C CYS A 168 -6.81 -4.73 6.02
N ARG A 169 -6.48 -3.77 6.87
CA ARG A 169 -5.13 -3.30 7.04
C ARG A 169 -4.30 -4.19 7.95
N ASN A 170 -3.00 -4.17 7.69
CA ASN A 170 -1.95 -4.74 8.53
C ASN A 170 -1.62 -6.21 8.29
N LYS A 171 -0.42 -6.58 8.68
CA LYS A 171 0.20 -7.88 8.43
C LYS A 171 0.70 -8.38 9.78
N ASN A 172 1.04 -9.66 9.87
CA ASN A 172 1.49 -10.25 11.13
C ASN A 172 0.53 -10.27 12.33
N PRO A 173 -0.64 -10.83 12.15
CA PRO A 173 -1.00 -11.47 10.86
C PRO A 173 -1.96 -10.65 10.00
N ALA A 174 -2.13 -11.08 8.76
CA ALA A 174 -3.18 -10.56 7.90
C ALA A 174 -4.52 -10.86 8.59
N PRO A 175 -5.57 -10.12 8.23
CA PRO A 175 -6.92 -10.34 8.79
C PRO A 175 -7.39 -11.79 8.60
N PRO A 176 -8.30 -12.27 9.47
CA PRO A 176 -8.83 -13.63 9.28
C PRO A 176 -9.38 -13.80 7.87
N LEU A 177 -9.11 -14.95 7.25
CA LEU A 177 -9.52 -15.17 5.86
C LEU A 177 -11.02 -15.02 5.72
N ASP A 178 -11.76 -15.66 6.63
CA ASP A 178 -13.21 -15.62 6.56
C ASP A 178 -13.74 -14.20 6.72
N ALA A 179 -12.98 -13.35 7.42
CA ALA A 179 -13.37 -11.94 7.52
C ALA A 179 -13.15 -11.25 6.19
N VAL A 180 -12.05 -11.60 5.53
CA VAL A 180 -11.75 -11.02 4.22
C VAL A 180 -12.74 -11.49 3.16
N GLU A 181 -13.11 -12.77 3.20
CA GLU A 181 -14.17 -13.28 2.32
C GLU A 181 -15.46 -12.50 2.52
N GLN A 182 -15.80 -12.26 3.78
CA GLN A 182 -17.06 -11.61 4.14
C GLN A 182 -17.16 -10.17 3.69
N ILE A 183 -16.03 -9.47 3.73
CA ILE A 183 -15.98 -8.05 3.41
C ILE A 183 -15.86 -7.76 1.91
N LEU A 184 -15.21 -8.67 1.17
CA LEU A 184 -14.81 -8.41 -0.22
C LEU A 184 -15.90 -7.87 -1.15
N PRO A 185 -17.02 -8.59 -1.26
CA PRO A 185 -18.10 -8.15 -2.13
C PRO A 185 -18.54 -6.71 -1.88
N THR A 186 -18.50 -6.25 -0.64
CA THR A 186 -18.89 -4.87 -0.34
C THR A 186 -17.76 -3.94 -0.74
N LEU A 187 -16.54 -4.34 -0.40
CA LEU A 187 -15.39 -3.60 -0.80
C LEU A 187 -15.32 -3.51 -2.34
N VAL A 188 -15.78 -4.53 -3.05
CA VAL A 188 -15.74 -4.46 -4.51
C VAL A 188 -16.77 -3.46 -5.07
N ARG A 189 -17.97 -3.39 -4.50
CA ARG A 189 -18.94 -2.33 -4.82
C ARG A 189 -18.38 -0.93 -4.57
N LEU A 190 -17.61 -0.75 -3.49
CA LEU A 190 -17.07 0.56 -3.17
C LEU A 190 -15.99 0.96 -4.18
N LEU A 191 -15.24 -0.02 -4.66
CA LEU A 191 -14.18 0.19 -5.63
C LEU A 191 -14.74 0.66 -6.97
N HIS A 192 -16.05 0.47 -7.14
CA HIS A 192 -16.71 0.88 -8.37
C HIS A 192 -17.59 2.11 -8.18
N HIS A 193 -17.43 2.77 -7.04
CA HIS A 193 -18.20 3.96 -6.74
C HIS A 193 -17.56 5.22 -7.31
N ASN A 194 -18.37 6.23 -7.56
CA ASN A 194 -17.93 7.42 -8.28
C ASN A 194 -17.25 8.48 -7.42
N ASP A 195 -17.15 8.24 -6.12
CA ASP A 195 -16.55 9.23 -5.21
C ASP A 195 -15.04 9.04 -5.01
N PRO A 196 -14.26 10.08 -5.32
CA PRO A 196 -12.79 9.99 -5.30
C PRO A 196 -12.23 9.48 -3.99
N GLU A 197 -12.79 9.91 -2.87
CA GLU A 197 -12.30 9.46 -1.58
C GLU A 197 -12.65 8.00 -1.34
N VAL A 198 -13.90 7.64 -1.65
CA VAL A 198 -14.32 6.25 -1.54
C VAL A 198 -13.40 5.36 -2.37
N LEU A 199 -13.10 5.82 -3.58
CA LEU A 199 -12.24 5.08 -4.49
C LEU A 199 -10.83 4.89 -3.92
N ALA A 200 -10.28 5.95 -3.32
CA ALA A 200 -8.93 5.90 -2.82
C ALA A 200 -8.83 4.89 -1.67
N ASP A 201 -9.83 4.91 -0.79
CA ASP A 201 -9.78 4.07 0.40
C ASP A 201 -10.08 2.61 0.10
N SER A 202 -10.86 2.36 -0.95
CA SER A 202 -11.08 1.01 -1.45
C SER A 202 -9.77 0.43 -2.00
N CYS A 203 -9.10 1.20 -2.85
CA CYS A 203 -7.81 0.80 -3.38
C CYS A 203 -6.78 0.53 -2.30
N TRP A 204 -6.76 1.40 -1.30
CA TRP A 204 -5.91 1.13 -0.16
C TRP A 204 -6.25 -0.24 0.42
N ALA A 205 -7.54 -0.52 0.58
CA ALA A 205 -7.98 -1.78 1.16
C ALA A 205 -7.50 -2.93 0.28
N ILE A 206 -7.74 -2.82 -1.02
CA ILE A 206 -7.34 -3.87 -1.93
C ILE A 206 -5.83 -4.07 -1.91
N SER A 207 -5.10 -2.96 -1.78
CA SER A 207 -3.64 -3.06 -1.71
C SER A 207 -3.18 -3.72 -0.41
N TYR A 208 -3.90 -3.50 0.69
CA TYR A 208 -3.60 -4.21 1.92
C TYR A 208 -3.78 -5.71 1.71
N LEU A 209 -4.90 -6.09 1.09
CA LEU A 209 -5.26 -7.50 0.96
C LEU A 209 -4.37 -8.27 -0.02
N THR A 210 -3.70 -7.57 -0.92
CA THR A 210 -2.91 -8.24 -1.95
C THR A 210 -1.43 -8.20 -1.57
N ASP A 211 -1.15 -7.58 -0.43
CA ASP A 211 0.18 -7.61 0.11
C ASP A 211 0.26 -8.88 0.95
N GLY A 212 0.72 -9.97 0.35
CA GLY A 212 0.87 -11.23 1.06
C GLY A 212 0.96 -12.43 0.16
N PRO A 213 0.76 -13.63 0.74
CA PRO A 213 0.86 -14.89 -0.01
C PRO A 213 -0.04 -14.89 -1.24
N ASN A 214 0.32 -15.68 -2.24
CA ASN A 214 -0.42 -15.67 -3.49
C ASN A 214 -1.86 -16.10 -3.32
N GLU A 215 -2.12 -16.81 -2.22
CA GLU A 215 -3.47 -17.23 -1.88
C GLU A 215 -4.34 -16.01 -1.59
N ARG A 216 -3.75 -15.04 -0.89
CA ARG A 216 -4.43 -13.78 -0.59
C ARG A 216 -4.69 -13.02 -1.88
N ILE A 217 -3.65 -12.91 -2.70
CA ILE A 217 -3.78 -12.26 -3.99
C ILE A 217 -4.92 -12.91 -4.76
N GLU A 218 -4.97 -14.24 -4.69
CA GLU A 218 -5.93 -14.98 -5.50
C GLU A 218 -7.37 -14.64 -5.12
N MET A 219 -7.68 -14.59 -3.84
CA MET A 219 -9.05 -14.28 -3.47
C MET A 219 -9.46 -12.92 -3.97
N VAL A 220 -8.53 -11.98 -4.04
CA VAL A 220 -8.86 -10.67 -4.58
C VAL A 220 -9.04 -10.76 -6.10
N VAL A 221 -8.11 -11.41 -6.78
CA VAL A 221 -8.13 -11.39 -8.24
C VAL A 221 -9.35 -12.15 -8.77
N LYS A 222 -9.77 -13.18 -8.03
CA LYS A 222 -10.98 -13.94 -8.37
C LYS A 222 -12.25 -13.08 -8.37
N LYS A 223 -12.23 -11.94 -7.67
CA LYS A 223 -13.41 -11.05 -7.63
C LYS A 223 -13.59 -10.18 -8.90
N GLY A 224 -12.60 -10.18 -9.78
CA GLY A 224 -12.69 -9.47 -11.05
C GLY A 224 -12.34 -8.01 -10.93
N VAL A 225 -11.52 -7.65 -9.93
CA VAL A 225 -11.22 -6.24 -9.65
C VAL A 225 -10.09 -5.69 -10.50
N VAL A 226 -9.32 -6.59 -11.10
CA VAL A 226 -8.16 -6.14 -11.86
C VAL A 226 -8.53 -5.11 -12.93
N PRO A 227 -9.58 -5.37 -13.74
CA PRO A 227 -9.88 -4.32 -14.74
C PRO A 227 -10.20 -2.96 -14.11
N GLN A 228 -10.90 -2.95 -12.98
CA GLN A 228 -11.25 -1.69 -12.33
C GLN A 228 -9.99 -1.03 -11.78
N LEU A 229 -9.08 -1.84 -11.26
CA LEU A 229 -7.79 -1.34 -10.76
C LEU A 229 -7.00 -0.67 -11.87
N VAL A 230 -6.99 -1.31 -13.04
CA VAL A 230 -6.27 -0.74 -14.16
C VAL A 230 -6.85 0.61 -14.57
N LYS A 231 -8.18 0.69 -14.61
CA LYS A 231 -8.85 1.95 -14.89
C LYS A 231 -8.42 3.03 -13.90
N LEU A 232 -8.49 2.72 -12.60
CA LEU A 232 -8.10 3.65 -11.55
C LEU A 232 -6.59 3.99 -11.64
N LEU A 233 -5.83 3.04 -12.19
CA LEU A 233 -4.41 3.24 -12.44
C LEU A 233 -4.12 4.50 -13.28
N GLY A 234 -5.03 4.82 -14.18
CA GLY A 234 -4.84 5.99 -15.01
C GLY A 234 -5.71 7.17 -14.62
N ALA A 235 -6.17 7.19 -13.38
CA ALA A 235 -6.97 8.33 -12.90
C ALA A 235 -6.11 9.61 -12.81
N THR A 236 -6.76 10.75 -12.68
CA THR A 236 -6.04 12.01 -12.64
C THR A 236 -5.69 12.39 -11.21
N GLU A 237 -6.35 11.75 -10.27
CA GLU A 237 -6.15 12.04 -8.84
C GLU A 237 -5.02 11.19 -8.24
N LEU A 238 -3.95 11.84 -7.83
CA LEU A 238 -2.85 11.12 -7.21
C LEU A 238 -3.30 10.21 -6.06
N PRO A 239 -4.20 10.69 -5.20
CA PRO A 239 -4.67 9.85 -4.06
C PRO A 239 -5.35 8.56 -4.52
N ILE A 240 -5.78 8.50 -5.78
CA ILE A 240 -6.34 7.27 -6.32
C ILE A 240 -5.25 6.44 -7.00
N VAL A 241 -4.46 7.09 -7.85
CA VAL A 241 -3.41 6.39 -8.56
C VAL A 241 -2.49 5.68 -7.56
N THR A 242 -2.10 6.39 -6.52
CA THR A 242 -1.10 5.88 -5.59
C THR A 242 -1.44 4.48 -5.04
N PRO A 243 -2.64 4.32 -4.46
CA PRO A 243 -3.03 3.00 -3.96
C PRO A 243 -3.32 2.01 -5.09
N ALA A 244 -3.73 2.49 -6.25
CA ALA A 244 -4.07 1.61 -7.35
C ALA A 244 -2.81 0.94 -7.89
N LEU A 245 -1.78 1.77 -8.10
CA LEU A 245 -0.46 1.27 -8.46
C LEU A 245 0.07 0.25 -7.45
N ARG A 246 -0.15 0.51 -6.16
CA ARG A 246 0.31 -0.38 -5.11
C ARG A 246 -0.36 -1.75 -5.22
N ALA A 247 -1.68 -1.74 -5.43
CA ALA A 247 -2.43 -2.99 -5.56
C ALA A 247 -1.97 -3.74 -6.80
N ILE A 248 -1.86 -3.04 -7.92
CA ILE A 248 -1.32 -3.66 -9.14
C ILE A 248 0.07 -4.26 -8.87
N GLY A 249 0.94 -3.47 -8.24
CA GLY A 249 2.29 -3.91 -7.93
C GLY A 249 2.30 -5.17 -7.08
N ASN A 250 1.47 -5.20 -6.05
CA ASN A 250 1.36 -6.39 -5.22
C ASN A 250 0.92 -7.62 -6.01
N ILE A 251 -0.05 -7.43 -6.89
CA ILE A 251 -0.58 -8.57 -7.64
C ILE A 251 0.48 -9.23 -8.53
N VAL A 252 1.35 -8.43 -9.14
CA VAL A 252 2.35 -9.01 -10.03
C VAL A 252 3.53 -9.60 -9.25
N THR A 253 3.40 -9.69 -7.93
CA THR A 253 4.39 -10.41 -7.13
C THR A 253 3.95 -11.86 -6.93
N GLY A 254 2.72 -12.16 -7.33
CA GLY A 254 2.20 -13.52 -7.27
C GLY A 254 2.60 -14.41 -8.43
N THR A 255 1.73 -15.34 -8.80
CA THR A 255 2.00 -16.27 -9.88
C THR A 255 2.00 -15.56 -11.22
N ASP A 256 2.60 -16.19 -12.22
CA ASP A 256 2.59 -15.61 -13.55
C ASP A 256 1.20 -15.47 -14.11
N GLU A 257 0.32 -16.40 -13.77
CA GLU A 257 -1.06 -16.32 -14.22
C GLU A 257 -1.73 -15.11 -13.61
N GLN A 258 -1.42 -14.82 -12.35
CA GLN A 258 -1.94 -13.62 -11.70
C GLN A 258 -1.41 -12.35 -12.37
N THR A 259 -0.13 -12.39 -12.73
CA THR A 259 0.49 -11.27 -13.43
C THR A 259 -0.12 -11.07 -14.80
N GLN A 260 -0.45 -12.19 -15.44
CA GLN A 260 -1.04 -12.18 -16.76
C GLN A 260 -2.40 -11.46 -16.77
N LYS A 261 -3.15 -11.56 -15.67
CA LYS A 261 -4.44 -10.89 -15.59
C LYS A 261 -4.23 -9.37 -15.59
N VAL A 262 -3.14 -8.92 -14.98
CA VAL A 262 -2.81 -7.51 -14.97
C VAL A 262 -2.46 -7.07 -16.39
N ILE A 263 -1.56 -7.80 -17.03
CA ILE A 263 -1.28 -7.55 -18.44
C ILE A 263 -2.54 -7.58 -19.32
N ASP A 264 -3.35 -8.63 -19.16
CA ASP A 264 -4.58 -8.78 -19.97
C ASP A 264 -5.55 -7.60 -19.84
N ALA A 265 -5.58 -6.96 -18.67
CA ALA A 265 -6.52 -5.87 -18.42
C ALA A 265 -6.09 -4.55 -19.03
N GLY A 266 -4.87 -4.51 -19.58
CA GLY A 266 -4.38 -3.32 -20.26
C GLY A 266 -3.41 -2.49 -19.43
N ALA A 267 -2.97 -3.07 -18.32
CA ALA A 267 -2.13 -2.33 -17.38
C ALA A 267 -0.87 -1.71 -18.01
N LEU A 268 -0.23 -2.44 -18.92
CA LEU A 268 1.06 -1.99 -19.45
C LEU A 268 0.99 -0.69 -20.25
N ALA A 269 -0.20 -0.34 -20.75
CA ALA A 269 -0.35 0.85 -21.58
C ALA A 269 -0.32 2.11 -20.73
N VAL A 270 -0.42 1.95 -19.42
CA VAL A 270 -0.38 3.12 -18.53
C VAL A 270 1.04 3.47 -18.11
N PHE A 271 1.97 2.56 -18.36
CA PHE A 271 3.33 2.74 -17.87
C PHE A 271 4.21 3.78 -18.56
N PRO A 272 3.97 4.06 -19.85
CA PRO A 272 4.72 5.19 -20.40
C PRO A 272 4.63 6.39 -19.46
N SER A 273 3.44 6.75 -19.01
CA SER A 273 3.31 7.92 -18.14
C SER A 273 3.70 7.66 -16.68
N LEU A 274 3.32 6.49 -16.16
CA LEU A 274 3.74 6.12 -14.81
C LEU A 274 5.26 6.11 -14.64
N LEU A 275 5.98 5.66 -15.65
CA LEU A 275 7.43 5.55 -15.49
C LEU A 275 8.09 6.91 -15.66
N THR A 276 7.31 7.90 -16.09
CA THR A 276 7.80 9.28 -16.24
C THR A 276 7.07 10.24 -15.30
N ASN A 277 6.33 9.68 -14.36
CA ASN A 277 5.50 10.49 -13.46
C ASN A 277 6.37 11.41 -12.63
N PRO A 278 5.94 12.67 -12.50
CA PRO A 278 6.69 13.71 -11.78
C PRO A 278 6.85 13.35 -10.31
N LYS A 279 5.83 12.74 -9.71
CA LYS A 279 5.88 12.27 -8.33
C LYS A 279 6.79 11.07 -8.16
N THR A 280 7.86 11.26 -7.42
CA THR A 280 8.91 10.26 -7.30
C THR A 280 8.42 8.87 -6.86
N ASN A 281 7.56 8.80 -5.85
CA ASN A 281 7.09 7.50 -5.38
C ASN A 281 6.25 6.70 -6.39
N ILE A 282 5.46 7.40 -7.20
CA ILE A 282 4.75 6.78 -8.30
C ILE A 282 5.78 6.13 -9.23
N GLN A 283 6.78 6.89 -9.63
CA GLN A 283 7.82 6.37 -10.52
C GLN A 283 8.54 5.18 -9.91
N LYS A 284 8.85 5.30 -8.62
CA LYS A 284 9.58 4.26 -7.91
C LYS A 284 8.78 2.97 -7.96
N GLU A 285 7.50 3.07 -7.63
CA GLU A 285 6.69 1.87 -7.50
C GLU A 285 6.33 1.30 -8.86
N ALA A 286 6.24 2.18 -9.85
CA ALA A 286 5.99 1.76 -11.23
C ALA A 286 7.17 0.93 -11.76
N THR A 287 8.38 1.31 -11.37
CA THR A 287 9.56 0.60 -11.82
C THR A 287 9.66 -0.72 -11.06
N TRP A 288 9.39 -0.68 -9.76
CA TRP A 288 9.25 -1.88 -8.96
C TRP A 288 8.28 -2.87 -9.59
N THR A 289 7.05 -2.41 -9.85
CA THR A 289 6.06 -3.22 -10.55
C THR A 289 6.69 -3.82 -11.82
N MET A 290 7.28 -2.97 -12.67
CA MET A 290 7.88 -3.46 -13.91
C MET A 290 8.90 -4.56 -13.67
N SER A 291 9.64 -4.48 -12.57
CA SER A 291 10.66 -5.49 -12.24
C SER A 291 10.01 -6.85 -11.97
N ASN A 292 8.84 -6.85 -11.37
CA ASN A 292 8.16 -8.10 -11.14
C ASN A 292 7.36 -8.57 -12.37
N ILE A 293 7.38 -7.75 -13.41
CA ILE A 293 6.85 -8.20 -14.69
C ILE A 293 7.97 -8.73 -15.59
N THR A 294 9.12 -8.08 -15.56
CA THR A 294 10.26 -8.61 -16.29
C THR A 294 10.81 -9.86 -15.60
N ALA A 295 10.34 -10.16 -14.39
CA ALA A 295 10.70 -11.43 -13.75
C ALA A 295 9.83 -12.61 -14.23
N GLY A 296 8.86 -12.34 -15.12
CA GLY A 296 7.93 -13.37 -15.57
C GLY A 296 8.38 -14.12 -16.81
N ARG A 297 7.42 -14.67 -17.55
CA ARG A 297 7.79 -15.51 -18.70
C ARG A 297 8.25 -14.66 -19.88
N GLN A 298 8.94 -15.30 -20.81
CA GLN A 298 9.41 -14.64 -22.02
C GLN A 298 8.28 -14.01 -22.84
N ASP A 299 7.11 -14.65 -22.82
CA ASP A 299 5.95 -14.08 -23.54
C ASP A 299 5.49 -12.78 -22.86
N GLN A 300 5.66 -12.73 -21.54
CA GLN A 300 5.29 -11.54 -20.80
C GLN A 300 6.32 -10.44 -20.98
N ILE A 301 7.59 -10.81 -20.98
CA ILE A 301 8.65 -9.88 -21.38
C ILE A 301 8.38 -9.33 -22.77
N GLN A 302 7.88 -10.18 -23.66
CA GLN A 302 7.62 -9.74 -25.02
C GLN A 302 6.54 -8.68 -25.03
N GLN A 303 5.60 -8.77 -24.10
CA GLN A 303 4.52 -7.79 -24.06
C GLN A 303 5.03 -6.45 -23.52
N VAL A 304 5.99 -6.52 -22.60
CA VAL A 304 6.72 -5.34 -22.15
C VAL A 304 7.39 -4.68 -23.34
N VAL A 305 8.02 -5.51 -24.17
CA VAL A 305 8.62 -5.02 -25.41
C VAL A 305 7.59 -4.38 -26.36
N ASN A 306 6.52 -5.11 -26.67
CA ASN A 306 5.52 -4.61 -27.62
C ASN A 306 4.93 -3.27 -27.21
N HIS A 307 4.79 -3.07 -25.89
CA HIS A 307 4.17 -1.85 -25.37
C HIS A 307 5.13 -0.66 -25.37
N GLY A 308 6.35 -0.87 -25.85
CA GLY A 308 7.33 0.19 -26.00
C GLY A 308 7.94 0.59 -24.68
N LEU A 309 7.93 -0.32 -23.71
CA LEU A 309 8.37 0.02 -22.36
C LEU A 309 9.88 -0.08 -22.14
N VAL A 310 10.58 -0.73 -23.06
CA VAL A 310 12.02 -0.86 -22.85
C VAL A 310 12.70 0.51 -22.88
N PRO A 311 12.34 1.35 -23.87
CA PRO A 311 12.93 2.69 -23.88
C PRO A 311 12.61 3.48 -22.60
N PHE A 312 11.46 3.23 -22.00
CA PHE A 312 11.16 3.84 -20.70
C PHE A 312 12.02 3.31 -19.54
N LEU A 313 12.30 2.02 -19.51
CA LEU A 313 13.21 1.46 -18.51
C LEU A 313 14.62 2.04 -18.69
N VAL A 314 15.05 2.14 -19.94
CA VAL A 314 16.31 2.78 -20.25
C VAL A 314 16.32 4.20 -19.69
N GLY A 315 15.22 4.91 -19.87
CA GLY A 315 15.12 6.29 -19.40
C GLY A 315 15.27 6.39 -17.90
N VAL A 316 14.46 5.62 -17.16
CA VAL A 316 14.49 5.62 -15.70
C VAL A 316 15.86 5.23 -15.18
N LEU A 317 16.52 4.29 -15.86
CA LEU A 317 17.85 3.88 -15.46
C LEU A 317 18.84 5.02 -15.67
N SER A 318 18.56 5.88 -16.65
CA SER A 318 19.46 6.97 -17.00
C SER A 318 19.36 8.13 -16.02
N LYS A 319 18.14 8.61 -15.82
CA LYS A 319 17.90 9.75 -14.95
C LYS A 319 16.66 9.53 -14.09
N ALA A 320 16.89 9.41 -12.78
CA ALA A 320 15.80 9.27 -11.81
C ALA A 320 16.38 9.27 -10.41
N ASP A 321 15.51 9.53 -9.45
CA ASP A 321 15.83 9.36 -8.05
C ASP A 321 16.58 8.02 -7.91
N PHE A 322 17.59 7.96 -7.05
CA PHE A 322 18.44 6.77 -6.98
C PHE A 322 17.69 5.48 -6.67
N LYS A 323 16.79 5.54 -5.70
CA LYS A 323 15.92 4.43 -5.38
C LYS A 323 15.24 3.90 -6.65
N THR A 324 14.60 4.78 -7.41
CA THR A 324 14.00 4.38 -8.67
C THR A 324 15.00 3.65 -9.56
N GLN A 325 16.19 4.24 -9.71
CA GLN A 325 17.25 3.65 -10.52
C GLN A 325 17.56 2.24 -10.04
N LYS A 326 17.58 2.06 -8.72
CA LYS A 326 17.80 0.74 -8.13
C LYS A 326 16.71 -0.25 -8.55
N GLU A 327 15.45 0.20 -8.57
CA GLU A 327 14.37 -0.65 -9.07
C GLU A 327 14.58 -0.97 -10.55
N ALA A 328 14.96 0.05 -11.33
CA ALA A 328 15.23 -0.17 -12.76
C ALA A 328 16.33 -1.20 -12.99
N ALA A 329 17.40 -1.14 -12.21
CA ALA A 329 18.48 -2.12 -12.35
C ALA A 329 17.94 -3.52 -12.10
N TRP A 330 17.10 -3.65 -11.08
CA TRP A 330 16.42 -4.90 -10.82
C TRP A 330 15.56 -5.38 -11.99
N ALA A 331 14.93 -4.46 -12.70
CA ALA A 331 14.02 -4.84 -13.77
C ALA A 331 14.79 -5.34 -14.97
N ILE A 332 15.99 -4.81 -15.14
CA ILE A 332 16.83 -5.20 -16.27
C ILE A 332 17.48 -6.56 -15.99
N THR A 333 17.95 -6.75 -14.76
CA THR A 333 18.53 -8.03 -14.41
C THR A 333 17.51 -9.15 -14.59
N ASN A 334 16.28 -8.91 -14.12
CA ASN A 334 15.20 -9.91 -14.28
C ASN A 334 14.87 -10.15 -15.75
N TYR A 335 14.91 -9.08 -16.53
CA TYR A 335 14.66 -9.13 -17.95
C TYR A 335 15.75 -9.94 -18.64
N THR A 336 17.00 -9.62 -18.35
CA THR A 336 18.10 -10.36 -18.94
C THR A 336 18.12 -11.82 -18.46
N SER A 337 17.53 -12.09 -17.31
CA SER A 337 17.49 -13.46 -16.81
C SER A 337 16.58 -14.33 -17.66
N GLY A 338 15.29 -14.02 -17.64
CA GLY A 338 14.31 -14.84 -18.31
C GLY A 338 14.14 -14.55 -19.78
N GLY A 339 14.75 -13.48 -20.26
CA GLY A 339 14.59 -13.09 -21.65
C GLY A 339 15.27 -14.01 -22.65
N THR A 340 14.76 -13.97 -23.88
CA THR A 340 15.40 -14.67 -24.98
C THR A 340 16.59 -13.85 -25.45
N VAL A 341 17.49 -14.48 -26.18
CA VAL A 341 18.62 -13.78 -26.77
C VAL A 341 18.15 -12.57 -27.59
N GLU A 342 17.13 -12.78 -28.42
CA GLU A 342 16.55 -11.74 -29.26
C GLU A 342 16.09 -10.54 -28.43
N GLN A 343 15.43 -10.83 -27.31
CA GLN A 343 14.97 -9.77 -26.43
C GLN A 343 16.14 -9.04 -25.81
N ILE A 344 17.11 -9.78 -25.33
CA ILE A 344 18.29 -9.17 -24.74
C ILE A 344 19.01 -8.29 -25.79
N VAL A 345 19.06 -8.75 -27.03
CA VAL A 345 19.65 -7.97 -28.11
C VAL A 345 18.91 -6.63 -28.26
N TYR A 346 17.58 -6.71 -28.31
CA TYR A 346 16.74 -5.52 -28.37
C TYR A 346 17.03 -4.53 -27.23
N LEU A 347 17.27 -5.07 -26.04
CA LEU A 347 17.57 -4.25 -24.87
C LEU A 347 18.82 -3.42 -25.08
N VAL A 348 19.86 -4.06 -25.61
CA VAL A 348 21.11 -3.36 -25.90
C VAL A 348 20.91 -2.29 -26.97
N HIS A 349 20.15 -2.62 -28.02
CA HIS A 349 19.96 -1.70 -29.13
C HIS A 349 19.21 -0.47 -28.66
N CYS A 350 18.40 -0.64 -27.62
CA CYS A 350 17.63 0.46 -27.05
C CYS A 350 18.49 1.38 -26.19
N GLY A 351 19.73 0.96 -25.93
CA GLY A 351 20.71 1.80 -25.24
C GLY A 351 20.96 1.53 -23.77
N ILE A 352 20.74 0.29 -23.34
CA ILE A 352 20.86 -0.06 -21.93
C ILE A 352 22.29 0.03 -21.34
N ILE A 353 23.31 -0.16 -22.18
CA ILE A 353 24.68 -0.29 -21.69
C ILE A 353 25.24 0.97 -20.98
N GLU A 354 25.22 2.09 -21.68
CA GLU A 354 25.76 3.33 -21.11
C GLU A 354 25.21 3.62 -19.70
N PRO A 355 23.88 3.72 -19.55
CA PRO A 355 23.33 4.02 -18.22
C PRO A 355 23.58 2.92 -17.19
N LEU A 356 23.81 1.69 -17.65
CA LEU A 356 24.18 0.61 -16.77
C LEU A 356 25.58 0.86 -16.20
N MET A 357 26.55 1.04 -17.09
CA MET A 357 27.92 1.35 -16.69
C MET A 357 28.02 2.53 -15.74
N ASN A 358 27.15 3.52 -15.93
CA ASN A 358 27.26 4.74 -15.15
C ASN A 358 26.86 4.53 -13.70
N LEU A 359 26.08 3.49 -13.45
CA LEU A 359 25.58 3.22 -12.10
C LEU A 359 26.52 2.29 -11.35
N LEU A 360 27.52 1.76 -12.05
CA LEU A 360 28.58 1.01 -11.39
C LEU A 360 29.41 1.94 -10.50
N SER A 361 29.16 3.24 -10.61
CA SER A 361 29.84 4.25 -9.79
C SER A 361 29.04 4.55 -8.54
N ALA A 362 27.90 3.88 -8.40
CA ALA A 362 27.06 4.04 -7.22
C ALA A 362 27.74 3.41 -6.03
N LYS A 363 27.81 4.15 -4.94
CA LYS A 363 28.33 3.59 -3.69
C LYS A 363 27.20 2.87 -2.96
N ASP A 364 26.68 1.83 -3.62
CA ASP A 364 25.63 1.00 -3.04
C ASP A 364 25.89 -0.43 -3.47
N THR A 365 26.26 -1.26 -2.51
CA THR A 365 26.72 -2.60 -2.82
C THR A 365 25.70 -3.43 -3.61
N LYS A 366 24.43 -3.32 -3.24
CA LYS A 366 23.39 -4.13 -3.89
C LYS A 366 23.25 -3.86 -5.40
N ILE A 367 23.03 -2.59 -5.75
CA ILE A 367 22.89 -2.19 -7.13
C ILE A 367 24.08 -2.64 -7.98
N ILE A 368 25.26 -2.70 -7.38
CA ILE A 368 26.44 -3.15 -8.08
C ILE A 368 26.33 -4.65 -8.37
N GLN A 369 25.94 -5.41 -7.35
CA GLN A 369 25.76 -6.84 -7.50
C GLN A 369 24.72 -7.12 -8.55
N VAL A 370 23.66 -6.30 -8.54
CA VAL A 370 22.54 -6.47 -9.46
C VAL A 370 22.94 -6.15 -10.90
N ILE A 371 23.66 -5.05 -11.08
CA ILE A 371 24.10 -4.65 -12.41
C ILE A 371 25.04 -5.66 -13.04
N LEU A 372 26.03 -6.11 -12.27
CA LEU A 372 27.03 -7.06 -12.77
C LEU A 372 26.35 -8.35 -13.19
N ASP A 373 25.27 -8.67 -12.50
CA ASP A 373 24.45 -9.84 -12.80
C ASP A 373 23.81 -9.68 -14.17
N ALA A 374 23.27 -8.48 -14.41
CA ALA A 374 22.69 -8.13 -15.69
C ALA A 374 23.73 -8.22 -16.81
N ILE A 375 24.94 -7.76 -16.51
CA ILE A 375 26.03 -7.82 -17.48
C ILE A 375 26.42 -9.24 -17.89
N SER A 376 26.44 -10.16 -16.93
CA SER A 376 26.70 -11.56 -17.26
C SER A 376 25.64 -12.07 -18.23
N ASN A 377 24.38 -11.92 -17.81
CA ASN A 377 23.24 -12.38 -18.60
C ASN A 377 23.29 -11.83 -20.02
N ILE A 378 23.75 -10.59 -20.18
CA ILE A 378 23.79 -10.04 -21.53
C ILE A 378 24.98 -10.65 -22.28
N PHE A 379 26.09 -10.83 -21.60
CA PHE A 379 27.25 -11.49 -22.19
C PHE A 379 26.93 -12.92 -22.67
N GLN A 380 26.22 -13.68 -21.83
CA GLN A 380 25.86 -15.05 -22.19
C GLN A 380 24.97 -15.10 -23.42
N ALA A 381 24.22 -14.02 -23.63
CA ALA A 381 23.43 -13.91 -24.84
C ALA A 381 24.37 -13.68 -26.01
N ALA A 382 25.34 -12.79 -25.80
CA ALA A 382 26.36 -12.49 -26.80
C ALA A 382 27.16 -13.75 -27.17
N GLU A 383 27.37 -14.64 -26.20
CA GLU A 383 28.05 -15.90 -26.44
C GLU A 383 27.29 -16.76 -27.45
N LYS A 384 25.99 -16.89 -27.25
CA LYS A 384 25.18 -17.72 -28.15
C LYS A 384 25.21 -17.15 -29.57
N LEU A 385 25.67 -15.91 -29.72
CA LEU A 385 25.85 -15.32 -31.03
C LEU A 385 27.29 -15.20 -31.50
N GLY A 386 28.24 -15.50 -30.62
CA GLY A 386 29.64 -15.34 -30.92
C GLY A 386 30.10 -13.90 -30.80
N GLU A 387 29.20 -13.04 -30.34
CA GLU A 387 29.32 -11.61 -30.53
C GLU A 387 29.86 -11.04 -29.25
N THR A 388 30.45 -11.92 -28.47
CA THR A 388 30.89 -11.61 -27.14
C THR A 388 31.90 -10.50 -27.24
N GLU A 389 32.75 -10.55 -28.25
CA GLU A 389 33.77 -9.52 -28.39
C GLU A 389 33.14 -8.15 -28.60
N LYS A 390 32.30 -8.03 -29.62
CA LYS A 390 31.64 -6.78 -29.95
C LYS A 390 31.09 -6.11 -28.69
N LEU A 391 30.38 -6.87 -27.86
CA LEU A 391 29.84 -6.36 -26.62
C LEU A 391 30.96 -5.83 -25.72
N SER A 392 31.97 -6.67 -25.51
CA SER A 392 33.15 -6.30 -24.74
C SER A 392 33.63 -4.88 -25.08
N ILE A 393 33.56 -4.52 -26.35
CA ILE A 393 33.96 -3.19 -26.82
C ILE A 393 33.01 -2.07 -26.33
N MET A 394 31.71 -2.27 -26.52
CA MET A 394 30.72 -1.28 -26.10
C MET A 394 30.91 -0.91 -24.65
N ILE A 395 31.24 -1.90 -23.83
CA ILE A 395 31.42 -1.66 -22.40
C ILE A 395 32.71 -0.91 -22.10
N GLU A 396 33.72 -1.07 -22.94
CA GLU A 396 34.91 -0.26 -22.80
C GLU A 396 34.64 1.12 -23.37
N GLU A 397 34.05 1.17 -24.56
CA GLU A 397 33.68 2.42 -25.19
C GLU A 397 32.76 3.26 -24.30
N CYS A 398 31.85 2.61 -23.56
CA CYS A 398 30.95 3.34 -22.67
C CYS A 398 31.53 3.52 -21.26
N GLY A 399 32.82 3.21 -21.10
CA GLY A 399 33.56 3.52 -19.89
C GLY A 399 33.47 2.50 -18.76
N GLY A 400 32.89 1.34 -19.04
CA GLY A 400 32.58 0.37 -18.00
C GLY A 400 33.76 -0.46 -17.53
N LEU A 401 34.64 -0.81 -18.46
CA LEU A 401 35.77 -1.70 -18.20
C LEU A 401 36.58 -1.31 -16.96
N ASP A 402 36.85 -0.03 -16.83
CA ASP A 402 37.59 0.49 -15.69
C ASP A 402 36.87 0.20 -14.39
N LYS A 403 35.55 0.40 -14.40
CA LYS A 403 34.72 0.23 -13.20
C LYS A 403 34.63 -1.24 -12.78
N ILE A 404 34.47 -2.13 -13.75
CA ILE A 404 34.42 -3.56 -13.49
C ILE A 404 35.78 -4.01 -12.95
N GLU A 405 36.83 -3.30 -13.35
CA GLU A 405 38.18 -3.57 -12.91
C GLU A 405 38.37 -3.11 -11.47
N ALA A 406 38.16 -1.82 -11.24
CA ALA A 406 38.28 -1.24 -9.90
C ALA A 406 37.43 -2.01 -8.91
N LEU A 407 36.48 -2.79 -9.42
CA LEU A 407 35.53 -3.51 -8.58
C LEU A 407 36.07 -4.87 -8.13
N GLN A 408 37.21 -5.26 -8.66
CA GLN A 408 37.94 -6.42 -8.19
C GLN A 408 38.40 -6.26 -6.75
N ARG A 409 38.74 -5.02 -6.39
CA ARG A 409 39.33 -4.71 -5.09
C ARG A 409 38.26 -4.49 -4.03
N HIS A 410 37.00 -4.59 -4.43
CA HIS A 410 35.87 -4.15 -3.63
C HIS A 410 35.64 -4.98 -2.35
N GLU A 411 35.17 -4.33 -1.29
CA GLU A 411 35.06 -4.97 0.02
C GLU A 411 34.17 -6.21 0.05
N ASN A 412 33.01 -6.15 -0.60
CA ASN A 412 32.12 -7.30 -0.65
C ASN A 412 32.74 -8.46 -1.44
N GLU A 413 32.34 -9.69 -1.13
CA GLU A 413 32.88 -10.88 -1.79
C GLU A 413 32.23 -11.11 -3.15
N SER A 414 30.90 -11.18 -3.15
CA SER A 414 30.13 -11.38 -4.39
C SER A 414 30.53 -10.36 -5.46
N VAL A 415 30.78 -9.13 -5.02
CA VAL A 415 31.17 -8.04 -5.90
C VAL A 415 32.48 -8.29 -6.62
N TYR A 416 33.57 -8.47 -5.85
CA TYR A 416 34.87 -8.68 -6.48
C TYR A 416 34.97 -10.04 -7.14
N LYS A 417 34.16 -10.99 -6.66
CA LYS A 417 34.06 -12.31 -7.29
C LYS A 417 33.59 -12.18 -8.73
N ALA A 418 32.41 -11.60 -8.92
CA ALA A 418 31.82 -11.42 -10.23
C ALA A 418 32.55 -10.38 -11.08
N SER A 419 33.13 -9.37 -10.43
CA SER A 419 33.96 -8.38 -11.13
C SER A 419 35.10 -9.08 -11.84
N LEU A 420 35.73 -10.02 -11.14
CA LEU A 420 36.85 -10.77 -11.67
C LEU A 420 36.39 -11.76 -12.72
N ASN A 421 35.31 -12.48 -12.41
CA ASN A 421 34.79 -13.47 -13.34
C ASN A 421 34.61 -12.86 -14.72
N LEU A 422 34.09 -11.64 -14.77
CA LEU A 422 33.80 -10.95 -16.02
C LEU A 422 35.06 -10.62 -16.81
N ILE A 423 36.05 -10.07 -16.13
CA ILE A 423 37.24 -9.65 -16.81
C ILE A 423 37.95 -10.82 -17.47
N GLU A 424 38.00 -11.95 -16.78
CA GLU A 424 38.65 -13.13 -17.36
C GLU A 424 37.94 -13.68 -18.59
N LYS A 425 36.63 -13.86 -18.51
CA LYS A 425 35.88 -14.52 -19.59
C LYS A 425 35.89 -13.67 -20.83
N TYR A 426 35.71 -12.37 -20.61
CA TYR A 426 35.36 -11.48 -21.66
C TYR A 426 36.32 -10.35 -21.96
N PHE A 427 37.29 -10.09 -21.09
CA PHE A 427 38.24 -9.00 -21.33
C PHE A 427 39.74 -9.29 -21.34
N SER A 428 40.13 -10.45 -21.86
CA SER A 428 41.54 -10.83 -21.92
C SER A 428 41.78 -11.84 -23.03
N GLY B 3 18.19 -13.78 -10.29
CA GLY B 3 17.08 -13.72 -11.22
C GLY B 3 16.60 -15.09 -11.68
N SER B 4 15.33 -15.18 -12.09
CA SER B 4 14.42 -14.03 -12.08
C SER B 4 13.83 -13.89 -10.67
N ILE B 5 13.96 -12.70 -10.09
CA ILE B 5 13.59 -12.50 -8.68
C ILE B 5 12.36 -11.61 -8.43
N ILE B 6 11.32 -12.20 -7.90
CA ILE B 6 10.22 -11.46 -7.28
C ILE B 6 10.61 -10.78 -5.98
N ARG B 7 10.33 -9.49 -5.90
CA ARG B 7 10.39 -8.78 -4.67
C ARG B 7 9.04 -8.18 -4.36
N LYS B 8 8.47 -8.58 -3.24
CA LYS B 8 7.45 -7.83 -2.52
C LYS B 8 8.03 -6.69 -1.67
N TRP B 9 7.23 -5.67 -1.36
CA TRP B 9 6.54 -5.47 -0.07
C TRP B 9 5.70 -4.24 -0.28
N ASN B 10 5.40 -3.51 0.78
CA ASN B 10 5.45 -2.08 0.59
C ASN B 10 4.54 -1.31 1.51
#